data_3T0R
#
_entry.id   3T0R
#
_cell.length_a   57.593
_cell.length_b   125.848
_cell.length_c   65.327
_cell.angle_alpha   90.00
_cell.angle_beta   105.91
_cell.angle_gamma   90.00
#
_symmetry.space_group_name_H-M   'C 1 2 1'
#
loop_
_entity.id
_entity.type
_entity.pdbx_description
1 polymer 'Phospholipase A2 homolog 1'
2 non-polymer 2-{2-[2-(2-{2-[2-(2-ETHOXY-ETHOXY)-ETHOXY]-ETHOXY}-ETHOXY)-ETHOXY]-ETHOXY}-ETHANOL
3 water water
#
_entity_poly.entity_id   1
_entity_poly.type   'polypeptide(L)'
_entity_poly.pdbx_seq_one_letter_code
;SLVELGKMILQETGKNPAKSYGAYGCNCGVLGRGKPKDATDRCCYVHKCCYKKLTNCDPKKDRYSYDWKNKTIVCGEENP
CLKQLCECDKAVAICLRENKGTYNKKRDVYLKPFCDKGRDC
;
_entity_poly.pdbx_strand_id   A,B,C,D
#
# COMPACT_ATOMS: atom_id res chain seq x y z
N SER A 1 11.29 -11.60 1.83
CA SER A 1 12.03 -12.80 1.43
C SER A 1 12.92 -12.45 0.28
N LEU A 2 13.86 -13.35 -0.05
CA LEU A 2 14.87 -12.97 -1.02
C LEU A 2 14.33 -12.73 -2.43
N VAL A 3 13.17 -13.32 -2.69
CA VAL A 3 12.40 -13.07 -3.89
C VAL A 3 12.16 -11.59 -4.05
N GLU A 4 11.79 -10.93 -2.96
CA GLU A 4 11.56 -9.49 -2.97
C GLU A 4 12.89 -8.77 -3.02
N LEU A 5 13.82 -9.22 -2.17
CA LEU A 5 15.15 -8.67 -2.12
C LEU A 5 15.78 -8.72 -3.54
N GLY A 6 15.67 -9.87 -4.18
CA GLY A 6 16.22 -10.07 -5.46
C GLY A 6 15.59 -9.11 -6.44
N LYS A 7 14.27 -9.04 -6.44
CA LYS A 7 13.63 -8.12 -7.33
C LYS A 7 14.05 -6.67 -7.00
N MET A 8 14.08 -6.29 -5.74
CA MET A 8 14.45 -4.93 -5.46
C MET A 8 15.83 -4.67 -6.01
N ILE A 9 16.74 -5.63 -5.82
CA ILE A 9 18.16 -5.44 -6.17
C ILE A 9 18.31 -5.28 -7.64
N LEU A 10 17.55 -6.11 -8.35
CA LEU A 10 17.45 -6.08 -9.77
C LEU A 10 16.82 -4.73 -10.17
N GLN A 11 15.67 -4.37 -9.63
CA GLN A 11 15.11 -3.10 -10.04
C GLN A 11 16.07 -1.92 -9.68
N GLU A 12 16.84 -2.00 -8.58
CA GLU A 12 17.81 -0.92 -8.25
C GLU A 12 19.12 -0.86 -9.08
N THR A 13 19.77 -1.99 -9.18
CA THR A 13 20.99 -2.11 -9.92
C THR A 13 20.67 -2.56 -11.34
N GLY A 14 19.45 -3.05 -11.57
CA GLY A 14 19.15 -3.62 -12.89
C GLY A 14 20.17 -4.65 -13.18
N LYS A 15 20.67 -5.31 -12.14
CA LYS A 15 21.70 -6.34 -12.22
C LYS A 15 21.12 -7.51 -11.56
N ASN A 16 21.46 -8.69 -12.06
CA ASN A 16 20.91 -9.96 -11.57
C ASN A 16 21.55 -10.21 -10.18
N PRO A 17 20.74 -10.35 -9.15
CA PRO A 17 21.17 -10.41 -7.75
C PRO A 17 21.84 -11.73 -7.39
N ALA A 18 21.37 -12.86 -7.97
CA ALA A 18 22.06 -14.12 -7.75
C ALA A 18 23.45 -14.07 -8.42
N LYS A 19 23.49 -13.71 -9.70
CA LYS A 19 24.76 -13.72 -10.44
C LYS A 19 25.71 -12.64 -9.84
N SER A 20 25.20 -11.43 -9.65
CA SER A 20 26.03 -10.33 -9.22
C SER A 20 26.40 -10.36 -7.73
N TYR A 21 25.40 -10.65 -6.89
CA TYR A 21 25.51 -10.50 -5.45
C TYR A 21 25.46 -11.79 -4.68
N GLY A 22 25.26 -12.90 -5.40
CA GLY A 22 24.95 -14.19 -4.79
C GLY A 22 26.05 -14.72 -3.90
N ALA A 23 27.29 -14.55 -4.33
CA ALA A 23 28.40 -14.85 -3.46
C ALA A 23 29.41 -13.71 -3.55
N TYR A 24 29.17 -12.61 -2.88
CA TYR A 24 30.04 -11.48 -3.13
C TYR A 24 30.60 -10.86 -1.88
N GLY A 25 31.91 -10.99 -1.71
CA GLY A 25 32.49 -10.31 -0.60
C GLY A 25 32.35 -11.23 0.56
N CYS A 26 32.32 -10.63 1.74
CA CYS A 26 32.11 -11.35 3.00
C CYS A 26 30.66 -11.33 3.43
N ASN A 27 29.84 -10.50 2.79
CA ASN A 27 28.47 -10.32 3.24
C ASN A 27 27.34 -10.48 2.28
N CYS A 28 27.60 -10.43 0.97
CA CYS A 28 26.51 -10.48 -0.01
C CYS A 28 26.19 -11.87 -0.34
N GLY A 29 24.94 -12.23 -0.14
CA GLY A 29 24.46 -13.51 -0.58
C GLY A 29 25.16 -14.68 0.06
N VAL A 30 26.00 -14.46 1.05
CA VAL A 30 26.51 -15.58 1.86
C VAL A 30 26.03 -15.45 3.28
N LEU A 31 26.12 -16.55 4.01
CA LEU A 31 25.68 -16.55 5.36
C LEU A 31 26.73 -15.95 6.20
N GLY A 32 26.37 -14.90 6.91
CA GLY A 32 27.17 -14.35 8.00
C GLY A 32 27.59 -12.99 7.59
N ARG A 33 27.89 -12.11 8.56
CA ARG A 33 28.57 -10.86 8.28
C ARG A 33 30.07 -11.12 8.41
N GLY A 34 30.89 -10.38 7.66
CA GLY A 34 32.35 -10.32 7.83
C GLY A 34 32.77 -8.87 7.70
N LYS A 35 34.02 -8.54 8.04
CA LYS A 35 34.56 -7.22 7.73
C LYS A 35 34.19 -6.98 6.23
N PRO A 36 33.54 -5.84 5.95
CA PRO A 36 33.20 -5.57 4.57
C PRO A 36 34.45 -5.35 3.69
N LYS A 37 34.57 -6.17 2.64
CA LYS A 37 35.60 -6.01 1.61
C LYS A 37 35.62 -4.64 0.92
N ASP A 38 34.47 -4.23 0.41
CA ASP A 38 34.31 -2.98 -0.30
C ASP A 38 32.88 -2.52 -0.04
N ALA A 39 32.51 -1.37 -0.57
CA ALA A 39 31.18 -0.90 -0.39
C ALA A 39 30.01 -1.90 -0.67
N THR A 40 29.96 -2.57 -1.84
CA THR A 40 28.86 -3.57 -2.07
C THR A 40 28.74 -4.53 -0.91
N ASP A 41 29.88 -5.12 -0.54
CA ASP A 41 30.04 -6.00 0.58
C ASP A 41 29.53 -5.33 1.86
N ARG A 42 29.89 -4.07 2.04
CA ARG A 42 29.43 -3.30 3.20
C ARG A 42 27.91 -3.15 3.20
N CYS A 43 27.33 -3.08 2.01
CA CYS A 43 25.86 -2.94 1.88
C CYS A 43 25.25 -4.16 2.41
N CYS A 44 25.85 -5.30 2.08
CA CYS A 44 25.27 -6.57 2.45
C CYS A 44 25.56 -6.85 3.93
N TYR A 45 26.65 -6.27 4.44
CA TYR A 45 27.01 -6.31 5.84
C TYR A 45 25.89 -5.66 6.60
N VAL A 46 25.47 -4.50 6.13
CA VAL A 46 24.47 -3.66 6.80
C VAL A 46 23.08 -4.23 6.57
N HIS A 47 22.94 -4.87 5.42
CA HIS A 47 21.75 -5.64 5.18
C HIS A 47 21.60 -6.71 6.26
N LYS A 48 22.62 -7.53 6.44
CA LYS A 48 22.57 -8.60 7.43
C LYS A 48 22.26 -8.05 8.82
N CYS A 49 22.88 -6.90 9.13
CA CYS A 49 22.76 -6.29 10.44
C CYS A 49 21.40 -5.68 10.64
N CYS A 50 20.74 -5.39 9.54
CA CYS A 50 19.44 -4.82 9.57
C CYS A 50 18.54 -6.04 9.83
N TYR A 51 18.78 -7.17 9.17
CA TYR A 51 18.02 -8.38 9.41
C TYR A 51 18.12 -8.87 10.82
N LYS A 52 19.32 -8.80 11.38
CA LYS A 52 19.54 -9.29 12.73
C LYS A 52 18.46 -8.81 13.71
N LYS A 53 18.05 -7.55 13.56
CA LYS A 53 16.93 -7.00 14.33
C LYS A 53 15.55 -7.61 14.07
N LEU A 54 15.34 -8.18 12.91
CA LEU A 54 14.02 -8.67 12.60
C LEU A 54 13.97 -10.07 13.04
N THR A 55 13.67 -10.22 14.31
CA THR A 55 13.49 -11.58 14.79
C THR A 55 12.03 -12.02 14.89
N ASN A 56 11.08 -11.09 14.85
CA ASN A 56 9.66 -11.46 14.85
C ASN A 56 9.18 -12.12 13.56
N CYS A 57 10.03 -12.08 12.53
CA CYS A 57 9.67 -12.48 11.18
C CYS A 57 10.89 -13.10 10.57
N ASP A 58 10.69 -13.81 9.47
CA ASP A 58 11.75 -14.56 8.82
C ASP A 58 12.18 -13.78 7.56
N PRO A 59 13.37 -13.14 7.62
CA PRO A 59 13.86 -12.27 6.55
C PRO A 59 14.06 -12.98 5.22
N LYS A 60 14.45 -14.26 5.28
CA LYS A 60 14.82 -14.96 4.07
C LYS A 60 13.54 -15.46 3.44
N LYS A 61 12.55 -15.78 4.26
CA LYS A 61 11.40 -16.54 3.73
C LYS A 61 10.07 -15.81 3.66
N ASP A 62 9.92 -14.80 4.51
CA ASP A 62 8.66 -14.05 4.66
C ASP A 62 8.39 -13.02 3.57
N ARG A 63 7.25 -13.16 2.91
CA ARG A 63 6.94 -12.29 1.80
C ARG A 63 6.37 -10.97 2.31
N TYR A 64 6.74 -9.87 1.67
CA TYR A 64 6.08 -8.61 1.97
C TYR A 64 5.71 -7.94 0.66
N SER A 65 4.83 -6.97 0.72
CA SER A 65 4.48 -6.26 -0.50
C SER A 65 5.28 -5.02 -0.58
N TYR A 66 5.66 -4.67 -1.79
CA TYR A 66 6.16 -3.27 -2.04
C TYR A 66 5.84 -2.92 -3.44
N ASP A 67 5.92 -1.65 -3.70
CA ASP A 67 5.53 -1.20 -5.01
C ASP A 67 6.75 -0.53 -5.59
N TRP A 68 6.77 -0.43 -6.89
CA TRP A 68 7.72 0.39 -7.58
C TRP A 68 6.91 1.59 -8.01
N LYS A 69 6.89 2.64 -7.18
CA LYS A 69 6.27 3.90 -7.57
C LYS A 69 7.36 4.90 -7.77
N ASN A 70 7.17 5.77 -8.75
CA ASN A 70 8.16 6.77 -9.09
C ASN A 70 9.60 6.27 -9.02
N LYS A 71 9.82 5.12 -9.64
CA LYS A 71 11.07 4.39 -9.66
C LYS A 71 11.70 4.29 -8.29
N THR A 72 10.82 4.09 -7.31
CA THR A 72 11.19 3.99 -5.93
C THR A 72 10.54 2.75 -5.41
N ILE A 73 11.31 1.89 -4.73
CA ILE A 73 10.69 0.80 -3.99
C ILE A 73 9.94 1.54 -2.88
N VAL A 74 8.63 1.27 -2.76
CA VAL A 74 7.83 1.78 -1.64
C VAL A 74 7.47 0.54 -0.90
N CYS A 75 7.96 0.40 0.31
CA CYS A 75 7.52 -0.69 1.16
C CYS A 75 6.06 -0.40 1.40
N GLY A 76 5.26 -1.46 1.35
CA GLY A 76 3.88 -1.32 1.67
C GLY A 76 3.86 -1.66 3.14
N GLU A 77 2.75 -1.58 3.83
CA GLU A 77 2.93 -1.58 5.29
C GLU A 77 2.89 -2.85 6.08
N GLU A 78 2.08 -3.84 5.68
CA GLU A 78 2.13 -5.17 6.32
C GLU A 78 2.33 -5.03 7.84
N ASN A 79 3.34 -5.73 8.35
CA ASN A 79 3.75 -5.73 9.79
C ASN A 79 4.91 -4.77 9.98
N PRO A 80 5.21 -4.44 11.23
CA PRO A 80 6.46 -3.74 11.46
C PRO A 80 7.74 -4.52 11.22
N CYS A 81 7.77 -5.83 11.48
CA CYS A 81 8.96 -6.61 11.11
C CYS A 81 9.08 -6.74 9.59
N LEU A 82 7.95 -6.84 8.92
CA LEU A 82 7.90 -7.01 7.50
C LEU A 82 8.11 -5.71 6.72
N LYS A 83 7.73 -4.59 7.32
CA LYS A 83 7.98 -3.31 6.73
C LYS A 83 9.39 -2.97 6.97
N GLN A 84 9.91 -3.40 8.12
CA GLN A 84 11.31 -3.16 8.43
C GLN A 84 12.22 -4.00 7.51
N LEU A 85 11.75 -5.20 7.31
CA LEU A 85 12.43 -6.14 6.43
C LEU A 85 12.53 -5.58 5.05
N CYS A 86 11.41 -5.04 4.61
CA CYS A 86 11.29 -4.51 3.31
C CYS A 86 12.20 -3.30 3.28
N GLU A 87 12.33 -2.56 4.39
CA GLU A 87 13.18 -1.40 4.34
C GLU A 87 14.62 -1.81 4.30
N CYS A 88 15.00 -2.81 5.10
CA CYS A 88 16.32 -3.44 5.03
C CYS A 88 16.63 -3.94 3.65
N ASP A 89 15.72 -4.72 3.03
CA ASP A 89 15.92 -5.12 1.65
C ASP A 89 16.08 -3.92 0.66
N LYS A 90 15.27 -2.91 0.83
CA LYS A 90 15.28 -1.79 -0.04
C LYS A 90 16.56 -1.00 0.18
N ALA A 91 16.98 -0.87 1.46
CA ALA A 91 18.23 -0.23 1.82
C ALA A 91 19.37 -0.90 1.06
N VAL A 92 19.36 -2.24 1.00
CA VAL A 92 20.47 -2.99 0.47
C VAL A 92 20.42 -2.87 -1.03
N ALA A 93 19.21 -2.94 -1.59
CA ALA A 93 19.12 -2.79 -3.00
C ALA A 93 19.74 -1.47 -3.43
N ILE A 94 19.44 -0.41 -2.66
CA ILE A 94 19.84 0.92 -3.02
C ILE A 94 21.34 1.12 -2.78
N CYS A 95 21.81 0.64 -1.64
CA CYS A 95 23.22 0.70 -1.35
C CYS A 95 23.95 -0.01 -2.46
N LEU A 96 23.47 -1.21 -2.84
CA LEU A 96 24.05 -2.00 -3.94
C LEU A 96 24.20 -1.20 -5.23
N ARG A 97 23.11 -0.53 -5.61
CA ARG A 97 23.08 0.29 -6.82
C ARG A 97 23.93 1.56 -6.66
N GLU A 98 24.08 2.05 -5.43
CA GLU A 98 24.84 3.27 -5.21
C GLU A 98 26.34 2.99 -5.22
N ASN A 99 26.68 1.71 -5.12
CA ASN A 99 28.07 1.30 -5.04
C ASN A 99 28.54 0.41 -6.18
N LYS A 100 27.82 0.33 -7.26
CA LYS A 100 28.26 -0.59 -8.28
C LYS A 100 29.37 -0.02 -9.09
N GLY A 101 29.60 1.27 -8.89
CA GLY A 101 30.80 1.93 -9.38
C GLY A 101 32.03 1.26 -8.85
N THR A 102 31.93 0.71 -7.64
CA THR A 102 33.08 0.09 -6.98
C THR A 102 32.96 -1.39 -6.78
N TYR A 103 31.96 -1.97 -7.41
CA TYR A 103 31.86 -3.40 -7.59
C TYR A 103 33.15 -3.90 -8.19
N ASN A 104 33.64 -5.02 -7.65
CA ASN A 104 34.76 -5.71 -8.24
C ASN A 104 34.42 -7.20 -8.38
N LYS A 105 34.58 -7.71 -9.60
CA LYS A 105 34.42 -9.13 -9.92
C LYS A 105 35.33 -10.08 -9.11
N LYS A 106 36.46 -9.55 -8.63
CA LYS A 106 37.38 -10.30 -7.80
C LYS A 106 36.67 -10.87 -6.55
N ARG A 107 35.52 -10.30 -6.19
CA ARG A 107 34.78 -10.75 -5.01
C ARG A 107 33.61 -11.68 -5.48
N ASP A 108 33.87 -12.29 -6.63
CA ASP A 108 33.22 -13.49 -7.14
C ASP A 108 32.78 -14.57 -6.11
N VAL A 109 33.55 -14.74 -5.03
CA VAL A 109 33.56 -15.96 -4.18
C VAL A 109 34.11 -17.21 -4.90
N TYR A 110 34.86 -16.93 -5.98
CA TYR A 110 35.95 -17.79 -6.43
C TYR A 110 37.04 -17.62 -5.37
N LEU A 111 37.26 -16.37 -4.98
CA LEU A 111 38.16 -16.04 -3.89
C LEU A 111 37.68 -16.64 -2.58
N LYS A 112 36.39 -16.51 -2.31
CA LYS A 112 35.82 -16.68 -0.95
C LYS A 112 36.43 -15.60 -0.01
N PRO A 113 36.49 -14.33 -0.50
CA PRO A 113 37.21 -13.11 -0.11
C PRO A 113 37.85 -12.92 1.29
N PHE A 114 38.60 -13.91 1.77
CA PHE A 114 39.54 -13.69 2.88
C PHE A 114 38.89 -13.04 4.11
N CYS A 115 37.71 -13.53 4.50
CA CYS A 115 36.84 -12.82 5.46
C CYS A 115 37.23 -12.78 6.91
N ASP A 116 37.48 -11.57 7.36
CA ASP A 116 37.64 -11.27 8.78
C ASP A 116 36.28 -11.17 9.49
N LYS A 117 36.36 -11.26 10.80
CA LYS A 117 35.24 -11.15 11.66
C LYS A 117 34.72 -9.75 11.60
N GLY A 118 33.41 -9.65 11.48
CA GLY A 118 32.73 -8.39 11.40
C GLY A 118 32.66 -7.73 12.76
N ARG A 119 32.98 -6.45 12.83
CA ARG A 119 32.76 -5.74 14.07
C ARG A 119 31.30 -6.03 14.32
N ASP A 120 30.86 -6.06 15.57
CA ASP A 120 29.41 -6.10 15.95
C ASP A 120 28.52 -5.08 15.22
N CYS A 121 27.32 -5.50 14.83
CA CYS A 121 26.40 -4.64 14.14
C CYS A 121 26.21 -3.33 14.88
N SER B 1 15.51 -0.71 -30.64
CA SER B 1 14.30 -1.51 -30.96
C SER B 1 13.34 -1.41 -29.79
N LEU B 2 12.33 -2.29 -29.80
CA LEU B 2 11.29 -2.38 -28.81
C LEU B 2 11.74 -3.39 -27.78
N VAL B 3 12.95 -3.88 -27.94
CA VAL B 3 13.57 -4.63 -26.87
C VAL B 3 14.07 -3.71 -25.81
N GLU B 4 14.64 -2.58 -26.20
CA GLU B 4 15.09 -1.56 -25.26
C GLU B 4 13.90 -0.75 -24.88
N LEU B 5 12.96 -0.57 -25.83
CA LEU B 5 11.82 0.27 -25.51
C LEU B 5 11.07 -0.46 -24.41
N GLY B 6 10.76 -1.73 -24.67
CA GLY B 6 10.00 -2.50 -23.72
C GLY B 6 10.69 -2.50 -22.37
N LYS B 7 12.03 -2.59 -22.35
CA LYS B 7 12.72 -2.73 -21.12
C LYS B 7 12.63 -1.39 -20.39
N MET B 8 12.67 -0.27 -21.11
CA MET B 8 12.72 1.04 -20.46
C MET B 8 11.40 1.35 -19.78
N ILE B 9 10.32 0.90 -20.40
CA ILE B 9 9.02 1.24 -19.89
C ILE B 9 8.75 0.45 -18.63
N LEU B 10 9.33 -0.74 -18.58
CA LEU B 10 9.27 -1.53 -17.40
C LEU B 10 10.16 -0.80 -16.40
N GLN B 11 11.33 -0.36 -16.83
CA GLN B 11 12.27 0.22 -15.90
C GLN B 11 11.65 1.43 -15.25
N GLU B 12 10.93 2.21 -16.05
CA GLU B 12 10.35 3.44 -15.52
C GLU B 12 9.03 3.23 -14.80
N THR B 13 8.14 2.44 -15.39
CA THR B 13 6.79 2.33 -14.90
C THR B 13 6.61 1.19 -13.96
N GLY B 14 7.37 0.12 -14.14
CA GLY B 14 7.23 -1.10 -13.33
C GLY B 14 6.13 -1.97 -13.94
N LYS B 15 5.41 -1.41 -14.90
CA LYS B 15 4.30 -2.07 -15.57
C LYS B 15 4.80 -2.69 -16.86
N ASN B 16 4.38 -3.91 -17.17
CA ASN B 16 4.80 -4.61 -18.39
C ASN B 16 4.41 -3.84 -19.60
N PRO B 17 5.34 -3.68 -20.54
CA PRO B 17 5.01 -2.78 -21.64
C PRO B 17 3.88 -3.29 -22.53
N ALA B 18 3.96 -4.56 -22.93
CA ALA B 18 2.99 -5.13 -23.83
C ALA B 18 1.63 -5.15 -23.17
N LYS B 19 1.57 -5.60 -21.91
CA LYS B 19 0.27 -5.74 -21.23
C LYS B 19 -0.33 -4.35 -20.86
N SER B 20 0.45 -3.43 -20.40
CA SER B 20 -0.16 -2.11 -20.10
C SER B 20 -0.17 -1.19 -21.33
N TYR B 21 0.80 -1.31 -22.24
CA TYR B 21 0.82 -0.36 -23.35
C TYR B 21 0.64 -0.92 -24.79
N GLY B 22 0.66 -2.24 -24.94
CA GLY B 22 0.46 -2.91 -26.24
C GLY B 22 -0.59 -2.34 -27.18
N ALA B 23 -1.78 -2.08 -26.65
CA ALA B 23 -2.79 -1.41 -27.44
C ALA B 23 -3.48 -0.48 -26.53
N TYR B 24 -2.91 0.67 -26.33
CA TYR B 24 -3.45 1.58 -25.36
C TYR B 24 -3.74 2.80 -26.16
N GLY B 25 -5.01 3.17 -26.18
CA GLY B 25 -5.42 4.38 -26.81
C GLY B 25 -5.21 4.37 -28.29
N CYS B 26 -4.75 5.51 -28.77
CA CYS B 26 -4.56 5.68 -30.20
C CYS B 26 -3.10 5.44 -30.64
N ASN B 27 -2.16 5.59 -29.71
CA ASN B 27 -0.76 5.54 -30.04
C ASN B 27 0.07 4.46 -29.36
N CYS B 28 -0.18 4.14 -28.10
CA CYS B 28 0.71 3.18 -27.48
C CYS B 28 0.51 1.83 -28.11
N GLY B 29 1.63 1.19 -28.45
CA GLY B 29 1.67 -0.20 -28.89
C GLY B 29 1.15 -0.43 -30.31
N VAL B 30 -0.01 0.13 -30.60
CA VAL B 30 -0.61 -0.02 -31.92
C VAL B 30 0.20 0.72 -32.97
N LEU B 31 -0.10 0.49 -34.23
CA LEU B 31 0.60 1.16 -35.31
C LEU B 31 0.08 2.58 -35.53
N GLY B 32 0.89 3.46 -36.13
CA GLY B 32 0.47 4.80 -36.43
C GLY B 32 0.05 5.70 -35.27
N ARG B 33 -0.39 6.89 -35.61
CA ARG B 33 -0.83 7.87 -34.62
C ARG B 33 -2.30 8.21 -34.67
N GLY B 34 -2.87 8.55 -33.53
CA GLY B 34 -4.18 9.10 -33.41
C GLY B 34 -4.08 10.33 -32.48
N LYS B 35 -5.19 11.03 -32.33
CA LYS B 35 -5.32 12.02 -31.30
C LYS B 35 -5.33 11.24 -30.00
N PRO B 36 -4.49 11.68 -29.02
CA PRO B 36 -4.37 11.01 -27.76
C PRO B 36 -5.76 10.88 -27.12
N LYS B 37 -6.05 9.75 -26.47
CA LYS B 37 -7.26 9.60 -25.69
C LYS B 37 -7.05 10.18 -24.32
N ASP B 38 -5.77 10.25 -23.90
CA ASP B 38 -5.37 10.59 -22.52
C ASP B 38 -3.88 10.81 -22.52
N ALA B 39 -3.33 11.24 -21.40
CA ALA B 39 -1.92 11.66 -21.26
C ALA B 39 -0.97 10.54 -21.58
N THR B 40 -1.32 9.33 -21.18
CA THR B 40 -0.50 8.12 -21.48
C THR B 40 -0.53 7.97 -22.99
N ASP B 41 -1.72 7.88 -23.54
CA ASP B 41 -1.79 7.82 -24.97
C ASP B 41 -0.93 8.94 -25.51
N ARG B 42 -0.97 10.09 -24.88
CA ARG B 42 -0.27 11.25 -25.45
C ARG B 42 1.21 11.03 -25.49
N CYS B 43 1.73 10.27 -24.54
CA CYS B 43 3.16 10.06 -24.44
C CYS B 43 3.62 9.34 -25.67
N CYS B 44 2.83 8.33 -26.08
CA CYS B 44 3.11 7.53 -27.24
C CYS B 44 2.88 8.28 -28.50
N TYR B 45 1.85 9.19 -28.45
CA TYR B 45 1.74 10.07 -29.59
C TYR B 45 3.06 10.82 -29.71
N VAL B 46 3.66 11.19 -28.58
CA VAL B 46 4.79 12.12 -28.64
C VAL B 46 5.99 11.32 -29.09
N HIS B 47 5.94 10.03 -28.80
CA HIS B 47 6.96 9.07 -29.12
C HIS B 47 6.98 8.74 -30.61
N LYS B 48 5.81 8.53 -31.20
CA LYS B 48 5.72 8.21 -32.60
C LYS B 48 6.06 9.44 -33.41
N CYS B 49 5.57 10.58 -33.03
CA CYS B 49 6.13 11.77 -33.68
C CYS B 49 7.67 11.81 -33.65
N CYS B 50 8.26 11.34 -32.58
CA CYS B 50 9.66 11.50 -32.27
C CYS B 50 10.45 10.55 -33.15
N TYR B 51 9.89 9.35 -33.33
CA TYR B 51 10.37 8.36 -34.26
C TYR B 51 10.23 8.79 -35.70
N LYS B 52 9.20 9.57 -36.00
CA LYS B 52 8.92 10.02 -37.34
C LYS B 52 10.11 10.83 -37.78
N LYS B 53 10.62 11.64 -36.84
CA LYS B 53 11.78 12.51 -37.08
C LYS B 53 12.95 11.69 -37.55
N LEU B 54 12.99 10.41 -37.15
CA LEU B 54 14.20 9.59 -37.32
C LEU B 54 14.24 8.82 -38.62
N THR B 55 15.16 9.23 -39.50
CA THR B 55 15.13 8.71 -40.85
C THR B 55 16.29 7.80 -41.23
N ASN B 56 17.50 8.14 -40.80
CA ASN B 56 18.71 7.30 -41.09
C ASN B 56 18.85 5.96 -40.33
N CYS B 57 17.95 5.72 -39.38
CA CYS B 57 17.94 4.46 -38.63
C CYS B 57 16.54 3.91 -38.56
N ASP B 58 16.46 2.65 -38.14
CA ASP B 58 15.22 1.96 -37.98
C ASP B 58 14.73 1.97 -36.54
N PRO B 59 13.81 2.90 -36.22
CA PRO B 59 13.34 3.05 -34.84
C PRO B 59 12.87 1.74 -34.22
N LYS B 60 12.05 0.95 -34.92
CA LYS B 60 11.50 -0.26 -34.29
C LYS B 60 12.46 -1.47 -34.37
N LYS B 61 13.33 -1.51 -35.37
CA LYS B 61 14.12 -2.72 -35.59
C LYS B 61 15.56 -2.58 -35.13
N ASP B 62 16.08 -1.36 -35.10
CA ASP B 62 17.47 -1.15 -34.67
C ASP B 62 17.69 -1.14 -33.17
N ARG B 63 18.66 -1.92 -32.73
CA ARG B 63 19.06 -1.94 -31.32
C ARG B 63 20.12 -0.95 -30.99
N TYR B 64 20.10 -0.44 -29.77
CA TYR B 64 21.09 0.51 -29.29
C TYR B 64 21.38 0.08 -27.87
N SER B 65 22.30 0.78 -27.23
CA SER B 65 22.58 0.49 -25.86
C SER B 65 22.22 1.64 -24.98
N TYR B 66 21.56 1.27 -23.90
CA TYR B 66 21.43 2.21 -22.81
C TYR B 66 21.86 1.53 -21.51
N ASP B 67 22.09 2.32 -20.48
CA ASP B 67 22.43 1.76 -19.18
C ASP B 67 21.24 2.00 -18.26
N TRP B 68 21.05 1.15 -17.26
CA TRP B 68 20.20 1.52 -16.15
C TRP B 68 21.16 2.12 -15.13
N LYS B 69 21.19 3.44 -14.97
CA LYS B 69 22.18 4.06 -14.11
C LYS B 69 21.53 5.11 -13.23
N ASN B 70 21.67 4.96 -11.91
CA ASN B 70 21.02 5.84 -10.93
C ASN B 70 19.52 5.81 -11.13
N LYS B 71 19.07 4.62 -11.50
CA LYS B 71 17.70 4.38 -11.86
C LYS B 71 17.26 5.32 -12.93
N THR B 72 18.14 5.60 -13.86
CA THR B 72 17.87 6.56 -14.91
C THR B 72 18.16 5.86 -16.27
N ILE B 73 17.35 6.15 -17.27
CA ILE B 73 17.66 5.69 -18.62
C ILE B 73 18.71 6.59 -19.28
N VAL B 74 19.96 6.14 -19.31
CA VAL B 74 21.04 6.88 -19.97
C VAL B 74 21.28 6.21 -21.30
N CYS B 75 21.11 7.02 -22.34
CA CYS B 75 21.32 6.56 -23.70
C CYS B 75 22.79 6.33 -23.96
N GLY B 76 23.14 5.27 -24.50
CA GLY B 76 24.44 5.04 -25.07
C GLY B 76 24.56 6.07 -26.16
N GLU B 77 25.66 6.73 -26.13
CA GLU B 77 25.84 7.87 -27.03
C GLU B 77 26.32 7.25 -28.33
N GLU B 78 25.87 7.76 -29.47
CA GLU B 78 26.31 7.14 -30.70
C GLU B 78 25.73 7.85 -31.87
N ASN B 79 25.20 7.06 -32.81
CA ASN B 79 24.61 7.58 -34.01
C ASN B 79 23.51 8.56 -33.67
N PRO B 80 23.52 9.75 -34.33
CA PRO B 80 22.42 10.70 -34.21
C PRO B 80 21.07 10.03 -34.38
N CYS B 81 21.02 8.92 -35.11
CA CYS B 81 19.78 8.24 -35.25
C CYS B 81 19.51 7.41 -33.99
N LEU B 82 20.44 6.55 -33.62
CA LEU B 82 20.26 5.72 -32.44
C LEU B 82 20.13 6.56 -31.16
N LYS B 83 21.09 7.42 -30.90
CA LYS B 83 21.01 8.27 -29.71
C LYS B 83 19.64 8.92 -29.58
N GLN B 84 19.15 9.45 -30.68
CA GLN B 84 17.93 10.18 -30.57
C GLN B 84 16.75 9.19 -30.50
N LEU B 85 16.92 8.01 -31.11
CA LEU B 85 15.96 6.92 -30.98
C LEU B 85 15.82 6.45 -29.54
N CYS B 86 16.96 6.35 -28.87
CA CYS B 86 17.01 5.95 -27.50
C CYS B 86 16.33 7.04 -26.70
N GLU B 87 16.73 8.27 -26.96
CA GLU B 87 16.09 9.44 -26.35
C GLU B 87 14.57 9.48 -26.54
N CYS B 88 14.11 9.16 -27.75
CA CYS B 88 12.69 9.05 -27.96
C CYS B 88 12.09 7.98 -27.05
N ASP B 89 12.75 6.83 -26.92
CA ASP B 89 12.26 5.76 -26.02
C ASP B 89 12.45 6.12 -24.54
N LYS B 90 13.59 6.71 -24.18
CA LYS B 90 13.73 7.19 -22.81
C LYS B 90 12.57 8.11 -22.55
N ALA B 91 12.31 9.06 -23.44
CA ALA B 91 11.28 10.06 -23.21
C ALA B 91 9.94 9.37 -23.03
N VAL B 92 9.68 8.35 -23.83
CA VAL B 92 8.33 7.77 -23.78
C VAL B 92 8.08 7.11 -22.48
N ALA B 93 9.05 6.34 -22.01
CA ALA B 93 8.92 5.59 -20.78
C ALA B 93 8.87 6.46 -19.54
N ILE B 94 9.65 7.56 -19.55
CA ILE B 94 9.49 8.59 -18.52
C ILE B 94 8.09 9.12 -18.54
N CYS B 95 7.69 9.55 -19.74
CA CYS B 95 6.42 10.20 -19.85
C CYS B 95 5.36 9.20 -19.30
N LEU B 96 5.48 7.95 -19.72
CA LEU B 96 4.51 6.94 -19.33
C LEU B 96 4.48 6.73 -17.82
N ARG B 97 5.64 6.73 -17.21
CA ARG B 97 5.69 6.66 -15.78
C ARG B 97 5.17 7.95 -15.16
N GLU B 98 5.49 9.09 -15.77
CA GLU B 98 4.97 10.35 -15.27
C GLU B 98 3.45 10.44 -15.33
N ASN B 99 2.81 9.58 -16.12
CA ASN B 99 1.36 9.68 -16.28
C ASN B 99 0.62 8.42 -15.84
N LYS B 100 1.29 7.56 -15.08
CA LYS B 100 0.55 6.47 -14.46
C LYS B 100 -0.57 7.03 -13.60
N GLY B 101 -0.45 8.27 -13.14
CA GLY B 101 -1.54 8.93 -12.44
C GLY B 101 -2.83 8.58 -13.18
N THR B 102 -2.84 8.73 -14.50
CA THR B 102 -4.12 8.66 -15.15
C THR B 102 -4.23 7.52 -16.15
N TYR B 103 -3.38 6.49 -15.97
CA TYR B 103 -3.49 5.33 -16.86
C TYR B 103 -4.89 4.77 -16.69
N ASN B 104 -5.74 4.92 -17.70
CA ASN B 104 -7.06 4.25 -17.67
C ASN B 104 -7.06 3.07 -18.63
N LYS B 105 -7.07 1.87 -18.04
CA LYS B 105 -7.02 0.64 -18.78
C LYS B 105 -8.23 0.54 -19.69
N LYS B 106 -9.25 1.33 -19.39
CA LYS B 106 -10.42 1.42 -20.28
C LYS B 106 -10.02 1.75 -21.73
N ARG B 107 -8.81 2.29 -21.88
CA ARG B 107 -8.22 2.61 -23.17
C ARG B 107 -7.48 1.48 -23.87
N ASP B 108 -7.29 0.34 -23.18
CA ASP B 108 -6.72 -0.84 -23.86
C ASP B 108 -7.64 -1.18 -25.01
N VAL B 109 -7.06 -1.77 -26.07
CA VAL B 109 -7.70 -1.85 -27.39
C VAL B 109 -8.27 -3.21 -27.79
N TYR B 110 -9.60 -3.26 -27.68
CA TYR B 110 -10.45 -4.33 -28.15
C TYR B 110 -10.67 -4.01 -29.62
N LEU B 111 -9.87 -4.60 -30.50
CA LEU B 111 -9.98 -4.34 -31.94
C LEU B 111 -9.69 -2.88 -32.33
N LYS B 112 -10.61 -2.27 -33.08
CA LYS B 112 -10.63 -0.83 -33.35
C LYS B 112 -10.83 -0.06 -32.04
N PRO B 113 -10.21 1.12 -31.90
CA PRO B 113 -10.51 1.96 -30.74
C PRO B 113 -11.38 3.21 -30.95
N PHE B 114 -11.75 3.47 -32.20
CA PHE B 114 -12.16 4.82 -32.66
C PHE B 114 -11.25 6.05 -32.60
N CYS B 115 -10.05 5.96 -33.14
CA CYS B 115 -9.17 7.12 -33.16
C CYS B 115 -9.33 8.24 -34.17
N ASP B 116 -9.26 9.48 -33.72
CA ASP B 116 -9.30 10.64 -34.61
C ASP B 116 -7.94 10.72 -35.33
N LYS B 117 -7.86 11.50 -36.40
CA LYS B 117 -6.58 11.67 -37.18
C LYS B 117 -5.57 12.22 -36.24
N GLY B 118 -4.33 11.71 -36.27
CA GLY B 118 -3.28 12.39 -35.54
C GLY B 118 -3.20 13.80 -36.11
N ARG B 119 -3.21 14.81 -35.24
CA ARG B 119 -2.67 16.11 -35.63
C ARG B 119 -1.19 15.97 -36.03
N ASP B 120 -0.79 16.82 -36.95
CA ASP B 120 0.53 16.95 -37.52
C ASP B 120 1.70 16.95 -36.48
N CYS B 121 2.80 16.29 -36.82
CA CYS B 121 3.94 16.27 -35.90
C CYS B 121 4.62 17.62 -35.84
N SER C 1 -19.25 -5.27 28.93
CA SER C 1 -19.06 -6.74 28.80
C SER C 1 -18.13 -7.03 27.66
N LEU C 2 -17.98 -8.31 27.39
CA LEU C 2 -17.21 -8.73 26.24
C LEU C 2 -17.96 -8.32 25.01
N VAL C 3 -19.27 -8.06 25.16
CA VAL C 3 -20.09 -7.56 24.05
C VAL C 3 -19.51 -6.22 23.59
N GLU C 4 -19.13 -5.38 24.55
CA GLU C 4 -18.60 -4.06 24.23
C GLU C 4 -17.10 -4.07 24.08
N LEU C 5 -16.41 -4.93 24.82
CA LEU C 5 -14.96 -4.98 24.71
C LEU C 5 -14.62 -5.47 23.34
N GLY C 6 -15.36 -6.48 22.91
CA GLY C 6 -15.26 -7.01 21.57
C GLY C 6 -15.51 -5.93 20.53
N LYS C 7 -16.57 -5.17 20.73
CA LYS C 7 -16.91 -4.11 19.80
C LYS C 7 -15.86 -3.00 19.78
N MET C 8 -15.31 -2.63 20.93
CA MET C 8 -14.25 -1.61 20.92
C MET C 8 -13.00 -2.04 20.19
N ILE C 9 -12.67 -3.31 20.34
CA ILE C 9 -11.55 -3.93 19.67
C ILE C 9 -11.77 -3.97 18.14
N LEU C 10 -12.84 -4.60 17.68
CA LEU C 10 -13.10 -4.67 16.27
C LEU C 10 -13.04 -3.25 15.80
N GLN C 11 -13.51 -2.33 16.64
CA GLN C 11 -13.58 -0.93 16.24
C GLN C 11 -12.23 -0.29 16.13
N GLU C 12 -11.41 -0.48 17.16
CA GLU C 12 -10.13 0.20 17.22
C GLU C 12 -9.13 -0.30 16.20
N THR C 13 -9.06 -1.62 16.09
CA THR C 13 -8.02 -2.31 15.36
C THR C 13 -8.56 -2.78 14.06
N GLY C 14 -9.84 -3.08 14.02
CA GLY C 14 -10.44 -3.61 12.82
C GLY C 14 -10.24 -5.08 12.69
N LYS C 15 -9.67 -5.69 13.72
CA LYS C 15 -9.46 -7.12 13.75
C LYS C 15 -10.59 -7.73 14.56
N ASN C 16 -10.92 -9.00 14.28
CA ASN C 16 -11.97 -9.67 15.02
C ASN C 16 -11.38 -10.02 16.35
N PRO C 17 -11.96 -9.49 17.43
CA PRO C 17 -11.40 -9.65 18.75
C PRO C 17 -11.09 -11.12 19.05
N ALA C 18 -12.11 -11.96 19.03
CA ALA C 18 -11.94 -13.35 19.36
C ALA C 18 -11.00 -13.97 18.37
N LYS C 19 -10.97 -13.43 17.15
CA LYS C 19 -10.12 -14.01 16.13
C LYS C 19 -8.67 -13.54 16.21
N SER C 20 -8.40 -12.29 16.61
CA SER C 20 -7.02 -11.88 16.76
C SER C 20 -6.53 -11.99 18.20
N TYR C 21 -7.40 -11.65 19.15
CA TYR C 21 -7.01 -11.51 20.53
C TYR C 21 -7.71 -12.50 21.45
N GLY C 22 -8.37 -13.48 20.82
CA GLY C 22 -9.17 -14.46 21.49
C GLY C 22 -8.50 -15.14 22.67
N ALA C 23 -7.24 -15.52 22.49
CA ALA C 23 -6.50 -16.16 23.55
C ALA C 23 -5.07 -15.87 23.24
N TYR C 24 -4.86 -14.63 22.81
CA TYR C 24 -3.56 -14.17 22.40
C TYR C 24 -2.65 -14.01 23.61
N GLY C 25 -1.51 -14.68 23.55
CA GLY C 25 -0.46 -14.50 24.52
C GLY C 25 -1.02 -14.90 25.83
N CYS C 26 -0.75 -14.10 26.85
CA CYS C 26 -0.94 -14.54 28.19
C CYS C 26 -2.15 -13.85 28.87
N ASN C 27 -2.50 -12.65 28.42
CA ASN C 27 -3.54 -11.89 29.08
C ASN C 27 -4.68 -11.44 28.21
N CYS C 28 -4.66 -11.80 26.95
CA CYS C 28 -5.72 -11.38 26.05
C CYS C 28 -6.65 -12.53 25.83
N GLY C 29 -7.95 -12.24 25.95
CA GLY C 29 -9.03 -13.13 25.59
C GLY C 29 -9.06 -14.38 26.44
N VAL C 30 -8.43 -14.31 27.60
CA VAL C 30 -8.30 -15.44 28.50
C VAL C 30 -8.58 -15.06 29.95
N LEU C 31 -8.78 -16.09 30.79
CA LEU C 31 -8.96 -15.87 32.20
C LEU C 31 -7.58 -15.68 32.80
N GLY C 32 -7.47 -14.83 33.79
CA GLY C 32 -6.23 -14.67 34.52
C GLY C 32 -5.15 -13.82 33.87
N ARG C 33 -4.16 -13.48 34.68
CA ARG C 33 -3.11 -12.59 34.27
C ARG C 33 -1.81 -13.32 34.43
N GLY C 34 -0.93 -13.17 33.46
CA GLY C 34 0.37 -13.82 33.47
C GLY C 34 1.36 -12.93 32.72
N LYS C 35 2.61 -12.92 33.14
CA LYS C 35 3.61 -12.11 32.50
C LYS C 35 3.54 -12.18 30.95
N PRO C 36 3.57 -11.01 30.30
CA PRO C 36 3.13 -10.92 28.93
C PRO C 36 4.24 -11.17 27.93
N LYS C 37 3.87 -11.69 26.76
CA LYS C 37 4.80 -12.15 25.76
C LYS C 37 5.44 -11.00 25.00
N ASP C 38 4.58 -10.05 24.64
CA ASP C 38 4.96 -8.90 23.87
C ASP C 38 4.11 -7.73 24.30
N ALA C 39 4.07 -6.73 23.41
CA ALA C 39 3.27 -5.54 23.57
C ALA C 39 1.74 -5.76 23.57
N THR C 40 1.23 -6.45 22.53
CA THR C 40 -0.21 -6.60 22.44
C THR C 40 -0.68 -7.24 23.75
N ASP C 41 0.07 -8.27 24.18
CA ASP C 41 -0.20 -8.94 25.43
C ASP C 41 -0.12 -8.03 26.66
N ARG C 42 0.95 -7.29 26.85
CA ARG C 42 0.99 -6.32 27.94
C ARG C 42 -0.32 -5.55 27.96
N CYS C 43 -0.79 -5.10 26.80
CA CYS C 43 -2.01 -4.28 26.75
C CYS C 43 -3.12 -4.91 27.56
N CYS C 44 -3.35 -6.21 27.35
CA CYS C 44 -4.42 -6.92 28.00
C CYS C 44 -4.14 -7.37 29.41
N TYR C 45 -2.88 -7.47 29.79
CA TYR C 45 -2.54 -7.62 31.19
C TYR C 45 -3.00 -6.42 32.01
N VAL C 46 -2.70 -5.19 31.55
CA VAL C 46 -3.07 -3.93 32.18
C VAL C 46 -4.56 -3.82 32.20
N HIS C 47 -5.16 -4.39 31.20
CA HIS C 47 -6.59 -4.40 31.12
C HIS C 47 -7.16 -5.22 32.23
N LYS C 48 -6.62 -6.43 32.41
CA LYS C 48 -7.07 -7.32 33.49
C LYS C 48 -6.73 -6.70 34.85
N CYS C 49 -5.69 -5.85 34.88
CA CYS C 49 -5.32 -5.22 36.12
C CYS C 49 -6.27 -4.08 36.38
N CYS C 50 -6.83 -3.56 35.29
CA CYS C 50 -7.82 -2.50 35.32
C CYS C 50 -9.14 -3.17 35.71
N TYR C 51 -9.41 -4.38 35.17
CA TYR C 51 -10.56 -5.13 35.66
C TYR C 51 -10.41 -5.42 37.15
N LYS C 52 -9.23 -5.33 37.70
CA LYS C 52 -9.03 -5.72 39.08
C LYS C 52 -9.63 -4.67 39.98
N LYS C 53 -9.42 -3.41 39.65
CA LYS C 53 -9.82 -2.37 40.59
C LYS C 53 -11.33 -2.10 40.60
N LEU C 54 -12.11 -2.92 39.87
CA LEU C 54 -13.57 -2.76 39.76
C LEU C 54 -14.36 -3.74 40.62
N THR C 55 -14.97 -3.25 41.68
CA THR C 55 -15.57 -4.14 42.63
C THR C 55 -17.10 -4.13 42.49
N ASN C 56 -17.61 -3.02 42.00
CA ASN C 56 -19.04 -2.79 42.00
C ASN C 56 -19.85 -3.39 40.82
N CYS C 57 -19.16 -3.81 39.74
CA CYS C 57 -19.79 -4.34 38.52
C CYS C 57 -19.04 -5.53 37.98
N ASP C 58 -19.64 -6.25 37.05
CA ASP C 58 -19.08 -7.47 36.50
C ASP C 58 -18.52 -7.18 35.09
N PRO C 59 -17.22 -6.87 35.02
CA PRO C 59 -16.62 -6.52 33.75
C PRO C 59 -16.96 -7.56 32.69
N LYS C 60 -17.01 -8.82 33.04
CA LYS C 60 -17.31 -9.84 32.06
C LYS C 60 -18.71 -9.67 31.45
N LYS C 61 -19.69 -9.44 32.32
CA LYS C 61 -21.13 -9.70 32.04
C LYS C 61 -22.06 -8.48 32.05
N ASP C 62 -21.56 -7.36 32.58
CA ASP C 62 -22.34 -6.12 32.56
C ASP C 62 -22.26 -5.43 31.19
N ARG C 63 -23.24 -4.56 30.92
CA ARG C 63 -23.31 -3.88 29.64
C ARG C 63 -23.33 -2.37 29.85
N TYR C 64 -22.53 -1.65 29.08
CA TYR C 64 -22.44 -0.22 29.24
C TYR C 64 -22.62 0.40 27.88
N SER C 65 -22.77 1.72 27.81
CA SER C 65 -22.95 2.33 26.53
C SER C 65 -21.77 3.19 26.29
N TYR C 66 -21.31 3.17 25.06
CA TYR C 66 -20.37 4.16 24.51
C TYR C 66 -20.74 4.40 23.06
N ASP C 67 -20.32 5.49 22.49
CA ASP C 67 -20.34 5.46 21.04
C ASP C 67 -18.98 5.62 20.44
N TRP C 68 -18.94 5.45 19.12
CA TRP C 68 -17.85 5.77 18.26
C TRP C 68 -18.11 7.23 17.85
N LYS C 69 -17.32 8.12 18.38
CA LYS C 69 -17.56 9.49 18.13
C LYS C 69 -16.25 10.06 17.68
N ASN C 70 -16.13 10.26 16.36
CA ASN C 70 -14.96 10.89 15.84
C ASN C 70 -13.85 9.87 15.92
N LYS C 71 -14.16 8.67 15.44
CA LYS C 71 -13.17 7.58 15.47
C LYS C 71 -12.59 7.39 16.89
N THR C 72 -13.45 7.52 17.88
CA THR C 72 -12.98 7.50 19.23
C THR C 72 -14.08 6.81 20.04
N ILE C 73 -13.60 6.03 21.00
CA ILE C 73 -14.44 5.34 21.92
C ILE C 73 -14.59 6.37 22.99
N VAL C 74 -15.85 6.74 23.19
CA VAL C 74 -16.23 7.62 24.25
C VAL C 74 -17.18 6.81 25.12
N CYS C 75 -16.98 6.85 26.41
CA CYS C 75 -17.75 5.99 27.27
C CYS C 75 -18.98 6.76 27.67
N GLY C 76 -20.07 6.02 27.87
CA GLY C 76 -21.25 6.57 28.53
C GLY C 76 -20.96 7.09 29.94
N GLU C 77 -21.74 8.08 30.34
CA GLU C 77 -21.50 8.90 31.50
C GLU C 77 -21.28 8.15 32.83
N GLU C 78 -22.15 7.17 33.14
CA GLU C 78 -22.11 6.47 34.46
C GLU C 78 -23.12 5.28 34.53
N ASN C 79 -23.07 4.40 35.54
CA ASN C 79 -22.48 4.66 36.85
C ASN C 79 -20.96 4.45 36.94
N PRO C 80 -20.34 4.76 38.11
CA PRO C 80 -18.87 4.70 38.27
C PRO C 80 -18.15 3.42 37.82
N CYS C 81 -18.71 2.26 38.14
CA CYS C 81 -18.05 0.98 37.88
C CYS C 81 -18.21 0.77 36.39
N LEU C 82 -19.33 1.24 35.85
CA LEU C 82 -19.59 1.02 34.45
C LEU C 82 -18.79 1.97 33.56
N LYS C 83 -18.48 3.16 34.06
CA LYS C 83 -17.63 4.09 33.27
C LYS C 83 -16.16 3.60 33.25
N GLN C 84 -15.75 3.06 34.38
CA GLN C 84 -14.37 2.68 34.56
C GLN C 84 -14.18 1.39 33.79
N LEU C 85 -15.15 0.51 33.89
CA LEU C 85 -15.17 -0.66 33.03
C LEU C 85 -15.14 -0.34 31.54
N CYS C 86 -15.70 0.80 31.16
CA CYS C 86 -15.66 1.20 29.77
C CYS C 86 -14.29 1.81 29.50
N GLU C 87 -13.75 2.48 30.49
CA GLU C 87 -12.40 3.09 30.35
C GLU C 87 -11.32 2.03 30.26
N CYS C 88 -11.54 0.90 30.90
CA CYS C 88 -10.58 -0.19 30.85
C CYS C 88 -10.64 -0.78 29.44
N ASP C 89 -11.86 -1.09 29.03
CA ASP C 89 -12.13 -1.54 27.73
C ASP C 89 -11.64 -0.61 26.65
N LYS C 90 -11.82 0.71 26.83
CA LYS C 90 -11.28 1.66 25.84
C LYS C 90 -9.78 1.45 25.78
N ALA C 91 -9.15 1.52 26.96
CA ALA C 91 -7.70 1.60 27.10
C ALA C 91 -7.07 0.42 26.44
N VAL C 92 -7.64 -0.76 26.68
CA VAL C 92 -7.08 -1.97 26.05
C VAL C 92 -7.23 -1.92 24.56
N ALA C 93 -8.38 -1.43 24.09
CA ALA C 93 -8.67 -1.38 22.66
C ALA C 93 -7.66 -0.50 21.98
N ILE C 94 -7.37 0.64 22.59
CA ILE C 94 -6.42 1.58 22.01
C ILE C 94 -5.06 0.90 21.94
N CYS C 95 -4.61 0.47 23.10
CA CYS C 95 -3.38 -0.31 23.25
C CYS C 95 -3.30 -1.45 22.21
N LEU C 96 -4.35 -2.27 22.12
CA LEU C 96 -4.32 -3.34 21.11
C LEU C 96 -4.11 -2.81 19.73
N ARG C 97 -4.71 -1.64 19.41
CA ARG C 97 -4.51 -1.01 18.12
C ARG C 97 -3.12 -0.40 18.03
N GLU C 98 -2.66 0.22 19.12
CA GLU C 98 -1.33 0.83 19.13
C GLU C 98 -0.26 -0.19 18.78
N ASN C 99 -0.36 -1.35 19.41
CA ASN C 99 0.67 -2.34 19.33
C ASN C 99 0.41 -3.42 18.30
N LYS C 100 -0.47 -3.13 17.37
CA LYS C 100 -0.62 -4.00 16.24
C LYS C 100 0.64 -3.99 15.35
N GLY C 101 1.49 -2.96 15.56
CA GLY C 101 2.86 -2.88 15.08
C GLY C 101 3.63 -4.10 15.54
N THR C 102 3.17 -4.76 16.59
CA THR C 102 3.91 -5.91 17.12
C THR C 102 3.14 -7.21 17.22
N TYR C 103 1.89 -7.19 16.78
CA TYR C 103 1.05 -8.37 16.79
C TYR C 103 1.82 -9.43 16.09
N ASN C 104 1.98 -10.53 16.81
CA ASN C 104 2.63 -11.73 16.31
C ASN C 104 1.62 -12.89 16.31
N LYS C 105 1.52 -13.58 15.17
CA LYS C 105 0.48 -14.61 15.04
C LYS C 105 0.85 -15.82 15.93
N LYS C 106 2.13 -15.86 16.34
CA LYS C 106 2.67 -16.87 17.27
C LYS C 106 1.96 -16.94 18.64
N ARG C 107 1.13 -15.95 18.97
CA ARG C 107 0.19 -16.01 20.11
C ARG C 107 -1.23 -16.22 19.64
N ASP C 108 -2.02 -17.06 20.32
CA ASP C 108 -3.41 -17.42 19.84
C ASP C 108 -3.75 -18.87 20.32
N PRO C 113 -0.95 -21.01 27.50
CA PRO C 113 -0.53 -21.58 28.79
C PRO C 113 0.84 -22.26 28.64
N PHE C 114 1.74 -21.45 28.09
CA PHE C 114 3.20 -21.67 27.95
C PHE C 114 3.73 -20.57 28.86
N CYS C 115 2.75 -19.94 29.46
CA CYS C 115 2.77 -18.68 30.13
C CYS C 115 3.35 -18.71 31.55
N ASP C 116 4.00 -17.61 31.94
CA ASP C 116 4.61 -17.42 33.26
C ASP C 116 3.52 -16.84 34.18
N LYS C 117 3.68 -17.03 35.51
CA LYS C 117 2.82 -16.37 36.48
C LYS C 117 3.00 -14.83 36.51
N GLY C 118 1.89 -14.11 36.52
CA GLY C 118 1.89 -12.65 36.43
C GLY C 118 2.44 -11.97 37.65
N ARG C 119 3.10 -10.84 37.40
CA ARG C 119 3.57 -9.93 38.42
C ARG C 119 2.35 -9.29 39.01
N ASP C 120 2.52 -8.53 40.08
CA ASP C 120 1.38 -7.81 40.68
C ASP C 120 0.98 -6.50 39.98
N CYS C 121 -0.31 -6.32 39.66
CA CYS C 121 -0.84 -5.02 39.19
C CYS C 121 -0.88 -3.95 40.27
N SER D 1 -17.08 -1.68 -4.36
CA SER D 1 -18.47 -2.19 -4.29
C SER D 1 -19.24 -1.44 -3.19
N LEU D 2 -20.55 -1.74 -3.07
CA LEU D 2 -21.44 -1.30 -1.98
C LEU D 2 -21.01 -1.78 -0.57
N VAL D 3 -20.31 -2.92 -0.53
CA VAL D 3 -19.94 -3.55 0.71
C VAL D 3 -18.71 -2.88 1.31
N GLU D 4 -17.64 -2.69 0.53
CA GLU D 4 -16.48 -1.92 1.06
C GLU D 4 -16.95 -0.51 1.35
N LEU D 5 -17.98 -0.08 0.60
CA LEU D 5 -18.63 1.19 0.86
C LEU D 5 -19.30 1.09 2.23
N GLY D 6 -19.95 -0.04 2.53
CA GLY D 6 -20.51 -0.27 3.88
C GLY D 6 -19.45 -0.26 5.00
N LYS D 7 -18.39 -1.02 4.83
CA LYS D 7 -17.38 -1.14 5.88
C LYS D 7 -16.68 0.20 6.07
N MET D 8 -16.71 0.99 5.02
CA MET D 8 -16.14 2.31 5.02
C MET D 8 -16.89 3.16 6.07
N ILE D 9 -18.14 3.40 5.74
CA ILE D 9 -19.01 4.19 6.52
C ILE D 9 -18.97 3.62 7.94
N LEU D 10 -19.45 2.39 8.07
CA LEU D 10 -19.60 1.75 9.35
C LEU D 10 -18.35 1.96 10.15
N GLN D 11 -17.18 1.97 9.54
CA GLN D 11 -15.95 2.04 10.31
C GLN D 11 -15.67 3.46 10.74
N GLU D 12 -16.29 4.40 10.07
CA GLU D 12 -15.92 5.81 10.16
C GLU D 12 -16.90 6.53 11.00
N THR D 13 -18.15 6.19 10.74
CA THR D 13 -19.30 6.88 11.27
C THR D 13 -19.62 6.21 12.58
N GLY D 14 -19.47 4.88 12.56
CA GLY D 14 -19.95 3.97 13.61
C GLY D 14 -21.40 3.65 13.30
N LYS D 15 -21.97 4.30 12.29
CA LYS D 15 -23.37 4.17 12.02
C LYS D 15 -23.40 2.96 11.15
N ASN D 16 -24.58 2.34 11.01
CA ASN D 16 -24.78 1.32 10.00
C ASN D 16 -25.09 2.06 8.72
N PRO D 17 -24.30 1.81 7.66
CA PRO D 17 -24.40 2.45 6.32
C PRO D 17 -25.80 2.48 5.71
N ALA D 18 -26.49 1.35 5.75
CA ALA D 18 -27.83 1.26 5.19
C ALA D 18 -28.91 1.81 6.13
N LYS D 19 -28.78 1.56 7.43
CA LYS D 19 -29.75 2.09 8.39
C LYS D 19 -29.69 3.63 8.36
N SER D 20 -28.48 4.16 8.45
CA SER D 20 -28.36 5.61 8.54
C SER D 20 -28.43 6.29 7.20
N TYR D 21 -27.96 5.63 6.15
CA TYR D 21 -27.75 6.27 4.85
C TYR D 21 -28.45 5.73 3.59
N GLY D 22 -29.04 4.53 3.64
CA GLY D 22 -29.74 3.97 2.48
C GLY D 22 -30.77 4.87 1.80
N ALA D 23 -31.71 5.40 2.58
CA ALA D 23 -32.84 6.22 2.09
C ALA D 23 -32.58 7.74 2.26
N TYR D 24 -31.39 8.07 2.75
CA TYR D 24 -31.06 9.42 3.21
C TYR D 24 -30.93 10.49 2.12
N GLY D 25 -31.67 11.56 2.31
CA GLY D 25 -31.51 12.77 1.51
C GLY D 25 -31.70 12.40 0.07
N CYS D 26 -30.68 12.67 -0.73
CA CYS D 26 -30.82 12.46 -2.13
C CYS D 26 -29.62 12.03 -2.89
N ASN D 27 -28.55 11.73 -2.18
CA ASN D 27 -27.39 11.25 -2.83
C ASN D 27 -26.84 10.09 -2.03
N CYS D 28 -27.53 9.76 -0.95
CA CYS D 28 -27.00 8.78 -0.02
C CYS D 28 -27.80 7.53 -0.14
N GLY D 29 -27.11 6.41 -0.32
CA GLY D 29 -27.76 5.15 -0.50
C GLY D 29 -28.31 5.00 -1.90
N VAL D 30 -29.14 5.98 -2.29
CA VAL D 30 -29.82 5.97 -3.59
C VAL D 30 -28.89 5.89 -4.82
N LEU D 31 -29.51 5.66 -5.98
CA LEU D 31 -28.89 5.89 -7.29
C LEU D 31 -29.21 7.31 -7.80
N GLY D 32 -28.24 7.96 -8.42
CA GLY D 32 -28.51 9.26 -9.02
C GLY D 32 -28.55 10.40 -8.00
N ARG D 33 -28.00 11.51 -8.45
CA ARG D 33 -27.75 12.65 -7.64
C ARG D 33 -28.96 13.52 -7.71
N GLY D 34 -29.11 14.36 -6.69
CA GLY D 34 -30.05 15.48 -6.69
C GLY D 34 -29.42 16.54 -5.80
N LYS D 35 -29.93 17.76 -5.86
CA LYS D 35 -29.45 18.83 -5.00
C LYS D 35 -29.47 18.35 -3.57
N PRO D 36 -28.30 18.38 -2.90
CA PRO D 36 -28.16 17.84 -1.57
C PRO D 36 -29.01 18.61 -0.55
N LYS D 37 -29.56 17.86 0.42
CA LYS D 37 -30.38 18.41 1.47
C LYS D 37 -29.61 18.99 2.60
N ASP D 38 -28.53 18.33 2.98
CA ASP D 38 -27.64 18.81 4.03
C ASP D 38 -26.26 18.25 3.76
N ALA D 39 -25.32 18.68 4.58
CA ALA D 39 -23.93 18.28 4.47
C ALA D 39 -23.73 16.77 4.26
N THR D 40 -24.47 15.97 5.02
CA THR D 40 -24.36 14.52 4.89
C THR D 40 -24.79 14.14 3.48
N ASP D 41 -25.97 14.56 3.09
CA ASP D 41 -26.39 14.35 1.74
C ASP D 41 -25.36 14.89 0.75
N ARG D 42 -24.71 15.98 1.10
CA ARG D 42 -23.75 16.61 0.19
C ARG D 42 -22.55 15.70 0.02
N CYS D 43 -22.11 15.09 1.12
CA CYS D 43 -21.00 14.16 1.13
C CYS D 43 -21.21 13.07 0.09
N CYS D 44 -22.45 12.60 0.00
CA CYS D 44 -22.82 11.55 -0.94
C CYS D 44 -23.04 12.17 -2.31
N TYR D 45 -23.20 13.48 -2.35
CA TYR D 45 -23.37 14.16 -3.60
C TYR D 45 -22.04 14.19 -4.24
N VAL D 46 -21.05 14.59 -3.45
CA VAL D 46 -19.66 14.65 -3.91
C VAL D 46 -19.14 13.27 -4.18
N HIS D 47 -19.76 12.28 -3.57
CA HIS D 47 -19.30 10.90 -3.67
C HIS D 47 -19.66 10.27 -5.00
N LYS D 48 -20.92 10.43 -5.39
CA LYS D 48 -21.39 10.06 -6.73
C LYS D 48 -20.63 10.76 -7.85
N CYS D 49 -20.36 12.07 -7.71
CA CYS D 49 -19.64 12.82 -8.74
C CYS D 49 -18.26 12.23 -8.90
N CYS D 50 -17.72 11.81 -7.77
CA CYS D 50 -16.42 11.18 -7.72
C CYS D 50 -16.49 9.77 -8.35
N TYR D 51 -17.63 9.09 -8.15
CA TYR D 51 -17.88 7.80 -8.80
C TYR D 51 -17.89 7.98 -10.32
N LYS D 52 -17.96 9.23 -10.74
CA LYS D 52 -18.07 9.55 -12.15
C LYS D 52 -16.81 9.95 -12.88
N LYS D 53 -15.83 10.48 -12.16
CA LYS D 53 -14.49 10.73 -12.71
C LYS D 53 -13.96 9.45 -13.42
N LEU D 54 -14.57 8.29 -13.11
CA LEU D 54 -14.23 7.02 -13.78
C LEU D 54 -15.45 6.10 -14.08
N THR D 55 -15.46 5.50 -15.27
CA THR D 55 -16.62 4.70 -15.75
C THR D 55 -16.32 3.22 -15.94
N ASN D 56 -15.03 2.87 -15.93
CA ASN D 56 -14.61 1.51 -16.23
C ASN D 56 -14.91 0.44 -15.15
N CYS D 57 -15.43 0.84 -14.00
CA CYS D 57 -15.36 -0.03 -12.82
C CYS D 57 -16.66 -0.73 -12.33
N ASP D 58 -17.82 -0.14 -12.66
CA ASP D 58 -19.13 -0.44 -11.99
C ASP D 58 -19.07 -0.32 -10.46
N PRO D 59 -19.18 0.92 -9.96
CA PRO D 59 -18.95 1.29 -8.56
C PRO D 59 -19.75 0.45 -7.57
N LYS D 60 -20.93 0.00 -8.00
CA LYS D 60 -21.76 -0.88 -7.16
C LYS D 60 -21.10 -2.23 -6.86
N LYS D 61 -20.27 -2.78 -7.76
CA LYS D 61 -19.61 -4.08 -7.47
C LYS D 61 -18.14 -4.19 -7.90
N ASP D 62 -17.19 -3.74 -7.07
CA ASP D 62 -15.79 -3.63 -7.52
C ASP D 62 -14.69 -4.26 -6.67
N ARG D 63 -14.97 -4.44 -5.39
CA ARG D 63 -14.22 -5.41 -4.58
C ARG D 63 -12.71 -5.23 -4.35
N TYR D 64 -12.27 -4.02 -3.99
CA TYR D 64 -10.89 -3.85 -3.61
C TYR D 64 -10.66 -3.81 -2.10
N SER D 65 -9.41 -3.94 -1.71
CA SER D 65 -9.04 -4.08 -0.31
C SER D 65 -8.18 -2.91 0.16
N TYR D 66 -8.60 -2.27 1.26
CA TYR D 66 -7.81 -1.20 1.87
C TYR D 66 -7.38 -1.62 3.27
N ASP D 67 -6.42 -0.88 3.78
CA ASP D 67 -5.94 -1.11 5.12
C ASP D 67 -6.42 0.01 6.00
N TRP D 68 -6.15 -0.14 7.30
CA TRP D 68 -6.79 0.70 8.31
C TRP D 68 -5.87 0.86 9.52
N LYS D 69 -5.36 2.06 9.77
CA LYS D 69 -4.26 2.17 10.73
C LYS D 69 -4.10 3.52 11.39
N ASN D 70 -3.84 3.49 12.69
CA ASN D 70 -4.15 4.63 13.53
C ASN D 70 -5.52 5.07 13.00
N LYS D 71 -6.38 4.06 12.77
CA LYS D 71 -7.79 4.16 12.41
C LYS D 71 -8.09 5.19 11.32
N THR D 72 -7.22 5.21 10.34
CA THR D 72 -7.39 5.99 9.15
C THR D 72 -7.56 4.90 8.14
N ILE D 73 -8.33 5.17 7.09
CA ILE D 73 -8.38 4.25 5.93
C ILE D 73 -7.22 4.65 5.02
N VAL D 74 -6.12 3.92 5.14
CA VAL D 74 -4.98 4.05 4.24
C VAL D 74 -5.28 3.08 3.08
N CYS D 75 -5.77 3.65 1.97
CA CYS D 75 -6.04 2.93 0.72
C CYS D 75 -4.73 2.64 0.03
N GLY D 76 -4.72 1.61 -0.81
CA GLY D 76 -5.92 0.84 -1.11
C GLY D 76 -5.52 -0.25 -2.07
N GLU D 77 -5.79 -0.04 -3.38
CA GLU D 77 -5.53 -1.08 -4.37
C GLU D 77 -4.46 -0.86 -5.44
N GLU D 78 -4.23 0.41 -5.76
CA GLU D 78 -3.19 0.82 -6.73
C GLU D 78 -3.31 0.20 -8.13
N ASN D 79 -4.54 -0.21 -8.42
CA ASN D 79 -5.03 -0.63 -9.72
C ASN D 79 -6.19 0.32 -9.72
N PRO D 80 -5.91 1.56 -10.08
CA PRO D 80 -6.90 2.62 -10.00
C PRO D 80 -7.12 2.82 -11.44
N CYS D 81 -8.35 2.93 -11.90
CA CYS D 81 -9.45 3.40 -11.02
C CYS D 81 -9.61 2.89 -9.58
N LEU D 82 -9.34 1.62 -9.32
CA LEU D 82 -9.58 1.10 -7.96
C LEU D 82 -9.09 2.04 -6.85
N LYS D 83 -7.82 2.46 -6.89
CA LYS D 83 -7.26 3.27 -5.80
C LYS D 83 -8.00 4.59 -5.62
N GLN D 84 -8.26 5.29 -6.73
CA GLN D 84 -9.04 6.51 -6.64
C GLN D 84 -10.48 6.20 -6.20
N LEU D 85 -11.10 5.20 -6.80
CA LEU D 85 -12.46 4.85 -6.40
C LEU D 85 -12.51 4.50 -4.90
N CYS D 86 -11.43 3.94 -4.40
CA CYS D 86 -11.28 3.71 -2.98
C CYS D 86 -11.25 5.05 -2.27
N GLU D 87 -10.49 6.02 -2.79
CA GLU D 87 -10.40 7.33 -2.15
C GLU D 87 -11.76 8.06 -2.28
N CYS D 88 -12.55 7.56 -3.23
CA CYS D 88 -13.86 8.09 -3.55
C CYS D 88 -14.82 7.63 -2.46
N ASP D 89 -14.32 6.69 -1.66
CA ASP D 89 -15.02 6.14 -0.50
C ASP D 89 -14.35 6.50 0.83
N LYS D 90 -13.03 6.64 0.84
CA LYS D 90 -12.34 7.11 2.03
C LYS D 90 -12.90 8.50 2.33
N ALA D 91 -13.06 9.32 1.29
CA ALA D 91 -13.43 10.72 1.46
C ALA D 91 -14.86 10.87 1.91
N VAL D 92 -15.70 9.93 1.51
CA VAL D 92 -17.14 10.03 1.73
C VAL D 92 -17.50 9.51 3.09
N ALA D 93 -16.90 8.38 3.47
CA ALA D 93 -17.15 7.86 4.77
C ALA D 93 -16.60 8.86 5.75
N ILE D 94 -15.47 9.43 5.44
CA ILE D 94 -14.94 10.47 6.27
C ILE D 94 -16.00 11.52 6.28
N CYS D 95 -16.53 11.82 5.09
CA CYS D 95 -17.34 12.99 4.98
C CYS D 95 -18.63 12.81 5.80
N LEU D 96 -19.27 11.65 5.61
CA LEU D 96 -20.42 11.23 6.34
C LEU D 96 -20.14 11.45 7.82
N ARG D 97 -18.93 11.08 8.26
CA ARG D 97 -18.59 11.05 9.66
C ARG D 97 -18.40 12.46 10.20
N GLU D 98 -17.57 13.24 9.53
CA GLU D 98 -17.42 14.62 9.94
C GLU D 98 -18.72 15.38 9.84
N ASN D 99 -19.72 14.77 9.24
CA ASN D 99 -21.06 15.40 9.11
C ASN D 99 -22.21 14.83 9.93
N LYS D 100 -21.95 13.86 10.80
CA LYS D 100 -23.06 13.42 11.68
C LYS D 100 -23.47 14.38 12.73
N GLY D 101 -22.64 15.38 13.08
CA GLY D 101 -23.08 16.55 13.91
C GLY D 101 -24.46 17.13 13.46
N THR D 102 -24.69 17.14 12.16
CA THR D 102 -25.85 17.75 11.58
C THR D 102 -26.63 16.74 10.77
N TYR D 103 -26.18 15.50 10.83
CA TYR D 103 -27.02 14.40 10.33
C TYR D 103 -28.44 14.56 10.83
N ASN D 104 -29.39 14.80 9.93
CA ASN D 104 -30.83 14.77 10.34
C ASN D 104 -31.58 13.55 9.77
N LYS D 105 -32.44 12.95 10.59
CA LYS D 105 -33.20 11.76 10.22
C LYS D 105 -34.52 12.13 9.55
N LYS D 106 -34.80 13.43 9.46
CA LYS D 106 -36.02 13.88 8.83
C LYS D 106 -36.05 13.39 7.37
N ARG D 107 -35.06 12.55 7.01
CA ARG D 107 -34.93 11.95 5.65
C ARG D 107 -34.77 10.42 5.65
N PRO D 113 -38.77 12.47 0.29
CA PRO D 113 -37.70 13.50 0.19
C PRO D 113 -37.81 14.32 -1.11
N PHE D 114 -38.06 13.64 -2.23
CA PHE D 114 -38.42 14.27 -3.50
C PHE D 114 -37.54 15.46 -3.96
N CYS D 115 -36.28 15.12 -4.27
CA CYS D 115 -35.25 16.09 -4.65
C CYS D 115 -35.30 16.72 -6.02
N ASP D 116 -34.63 17.86 -6.11
CA ASP D 116 -34.48 18.63 -7.32
C ASP D 116 -33.40 18.05 -8.23
N LYS D 117 -33.45 18.48 -9.50
CA LYS D 117 -32.42 18.12 -10.46
C LYS D 117 -31.08 18.59 -9.87
N GLY D 118 -30.10 17.70 -9.89
CA GLY D 118 -28.76 18.02 -9.42
C GLY D 118 -27.97 18.95 -10.31
N ARG D 119 -27.02 19.67 -9.73
CA ARG D 119 -26.07 20.38 -10.56
C ARG D 119 -25.11 19.38 -11.12
N ASP D 120 -24.71 19.65 -12.35
CA ASP D 120 -23.54 19.09 -13.01
C ASP D 120 -22.32 19.03 -12.08
N CYS D 121 -21.64 17.89 -12.06
CA CYS D 121 -20.45 17.72 -11.24
C CYS D 121 -19.34 18.69 -11.64
#